data_3NU1
#
_entry.id   3NU1
#
_cell.length_a   89.240
_cell.length_b   89.240
_cell.length_c   288.900
_cell.angle_alpha   90.000
_cell.angle_beta   90.000
_cell.angle_gamma   120.000
#
_symmetry.space_group_name_H-M   'P 61 2 2'
#
loop_
_entity.id
_entity.type
_entity.pdbx_description
1 polymer 'Hemin-binding periplasmic protein'
2 non-polymer 'PROTOPORPHYRIN IX CONTAINING FE'
3 water water
#
_entity_poly.entity_id   1
_entity_poly.type   'polypeptide(L)'
_entity_poly.pdbx_seq_one_letter_code
;AERIVTIGGDVTEIAYALGAGDEIVARDSTSQQPQAAQKLPDVGYMRTLNAEGILAMKPTMLLVSELAQPSLVLTQIASS
GVNVVTVPGQTTPESVAMKINAVATALHQTEKGQKLIEDYQQRLAAVNKTPLPVKVLFVMSHGGLTPMAAGQNTAADAMI
RAAGGSNAMQGFSRYRPLSQEGVIASAPDLLLITTDGVKALGSSENIWKLPGMALTPAGKHKRLLVVDDMALLGFGLETP
QVLAQLREKMEQMQ
;
_entity_poly.pdbx_strand_id   A,B
#
# COMPACT_ATOMS: atom_id res chain seq x y z
N ALA A 1 -4.13 -19.50 47.57
CA ALA A 1 -2.80 -19.48 48.15
C ALA A 1 -1.80 -18.82 47.19
N GLU A 2 -1.84 -19.22 45.93
CA GLU A 2 -0.88 -18.75 44.94
C GLU A 2 -1.01 -17.27 44.59
N ARG A 3 0.12 -16.57 44.57
CA ARG A 3 0.18 -15.22 44.04
C ARG A 3 0.83 -15.28 42.66
N ILE A 4 0.01 -15.29 41.62
CA ILE A 4 0.49 -15.48 40.26
C ILE A 4 0.69 -14.18 39.49
N VAL A 5 1.88 -14.02 38.92
CA VAL A 5 2.15 -12.96 37.97
C VAL A 5 2.21 -13.57 36.58
N THR A 6 1.39 -13.07 35.67
CA THR A 6 1.38 -13.60 34.32
C THR A 6 2.02 -12.60 33.36
N ILE A 7 2.87 -13.10 32.47
CA ILE A 7 3.59 -12.25 31.54
C ILE A 7 3.39 -12.70 30.11
N GLY A 8 2.79 -11.82 29.31
CA GLY A 8 2.38 -12.15 27.97
C GLY A 8 0.86 -12.14 27.91
N GLY A 9 0.31 -11.24 27.09
CA GLY A 9 -1.14 -11.12 26.97
C GLY A 9 -1.77 -12.45 26.65
N ASP A 10 -1.08 -13.26 25.86
CA ASP A 10 -1.57 -14.60 25.53
C ASP A 10 -1.62 -15.50 26.78
N VAL A 11 -0.56 -15.44 27.58
CA VAL A 11 -0.50 -16.21 28.80
C VAL A 11 -1.59 -15.79 29.78
N THR A 12 -1.72 -14.49 29.98
CA THR A 12 -2.68 -13.94 30.95
C THR A 12 -4.11 -14.34 30.60
N GLU A 13 -4.46 -14.18 29.32
CA GLU A 13 -5.80 -14.50 28.84
C GLU A 13 -6.12 -15.97 29.05
N ILE A 14 -5.12 -16.83 28.88
CA ILE A 14 -5.30 -18.26 29.05
C ILE A 14 -5.43 -18.64 30.53
N ALA A 15 -4.60 -18.05 31.37
CA ALA A 15 -4.70 -18.26 32.80
C ALA A 15 -6.10 -17.89 33.31
N TYR A 16 -6.57 -16.69 32.93
CA TYR A 16 -7.91 -16.25 33.32
C TYR A 16 -8.97 -17.23 32.83
N ALA A 17 -8.77 -17.74 31.62
CA ALA A 17 -9.73 -18.65 31.03
C ALA A 17 -9.70 -20.01 31.71
N LEU A 18 -8.61 -20.31 32.41
CA LEU A 18 -8.49 -21.55 33.16
C LEU A 18 -8.92 -21.34 34.61
N GLY A 19 -9.60 -20.22 34.85
CA GLY A 19 -10.22 -19.95 36.13
C GLY A 19 -9.29 -19.55 37.26
N ALA A 20 -8.17 -18.93 36.92
CA ALA A 20 -7.19 -18.55 37.93
C ALA A 20 -7.24 -17.06 38.22
N GLY A 21 -8.25 -16.38 37.68
CA GLY A 21 -8.38 -14.94 37.85
C GLY A 21 -8.10 -14.48 39.27
N ASP A 22 -8.64 -15.21 40.24
CA ASP A 22 -8.55 -14.81 41.64
C ASP A 22 -7.13 -14.75 42.17
N GLU A 23 -6.22 -15.52 41.58
CA GLU A 23 -4.86 -15.66 42.10
C GLU A 23 -3.83 -14.80 41.39
N ILE A 24 -4.20 -14.17 40.29
CA ILE A 24 -3.27 -13.31 39.57
C ILE A 24 -3.19 -11.94 40.24
N VAL A 25 -1.99 -11.55 40.65
CA VAL A 25 -1.80 -10.31 41.41
C VAL A 25 -1.21 -9.19 40.57
N ALA A 26 -0.59 -9.53 39.45
CA ALA A 26 -0.07 -8.54 38.52
C ALA A 26 0.13 -9.14 37.13
N ARG A 27 0.56 -8.32 36.18
CA ARG A 27 0.73 -8.74 34.79
C ARG A 27 1.55 -7.71 34.01
N ASP A 28 1.88 -8.02 32.76
CA ASP A 28 2.72 -7.14 31.95
C ASP A 28 1.91 -6.22 31.04
N SER A 29 2.59 -5.26 30.43
CA SER A 29 1.95 -4.26 29.57
C SER A 29 1.15 -4.89 28.43
N THR A 30 1.61 -6.02 27.90
CA THR A 30 0.94 -6.64 26.77
C THR A 30 -0.32 -7.38 27.18
N SER A 31 -0.56 -7.44 28.49
CA SER A 31 -1.71 -8.17 29.03
C SER A 31 -2.85 -7.23 29.33
N GLN A 32 -3.89 -7.28 28.51
CA GLN A 32 -4.99 -6.34 28.64
C GLN A 32 -6.34 -7.06 28.50
N GLN A 33 -6.29 -8.40 28.54
CA GLN A 33 -7.47 -9.22 28.39
C GLN A 33 -7.47 -10.41 29.35
N PRO A 34 -8.60 -10.64 30.03
CA PRO A 34 -9.82 -9.84 29.88
C PRO A 34 -9.69 -8.52 30.63
N GLN A 35 -10.72 -7.68 30.56
CA GLN A 35 -10.66 -6.36 31.18
C GLN A 35 -10.33 -6.44 32.67
N ALA A 36 -10.79 -7.49 33.32
CA ALA A 36 -10.46 -7.69 34.73
C ALA A 36 -8.96 -7.52 34.97
N ALA A 37 -8.16 -7.97 33.99
CA ALA A 37 -6.71 -7.91 34.07
C ALA A 37 -6.16 -6.50 33.95
N GLN A 38 -6.94 -5.62 33.32
CA GLN A 38 -6.55 -4.23 33.13
C GLN A 38 -6.51 -3.46 34.44
N LYS A 39 -7.17 -4.00 35.46
CA LYS A 39 -7.23 -3.36 36.77
C LYS A 39 -6.09 -3.82 37.69
N LEU A 40 -5.39 -4.87 37.28
CA LEU A 40 -4.23 -5.34 38.03
C LEU A 40 -3.00 -4.47 37.77
N PRO A 41 -2.05 -4.46 38.70
CA PRO A 41 -0.78 -3.75 38.52
C PRO A 41 -0.03 -4.22 37.27
N ASP A 42 0.72 -3.30 36.68
CA ASP A 42 1.49 -3.53 35.47
C ASP A 42 2.96 -3.60 35.86
N VAL A 43 3.60 -4.75 35.65
CA VAL A 43 5.00 -4.93 36.07
C VAL A 43 6.01 -4.43 35.05
N GLY A 44 5.52 -4.01 33.90
CA GLY A 44 6.40 -3.59 32.82
C GLY A 44 6.13 -4.35 31.53
N TYR A 45 6.94 -4.06 30.52
CA TYR A 45 6.74 -4.63 29.21
C TYR A 45 7.49 -5.95 29.07
N MET A 46 6.80 -6.98 28.61
CA MET A 46 7.35 -8.32 28.41
C MET A 46 8.76 -8.39 27.81
N ARG A 47 9.08 -7.46 26.91
CA ARG A 47 10.37 -7.51 26.22
C ARG A 47 11.48 -6.68 26.89
N THR A 48 11.10 -5.92 27.91
CA THR A 48 12.07 -5.17 28.69
C THR A 48 11.78 -5.27 30.20
N LEU A 49 11.59 -6.49 30.71
CA LEU A 49 11.27 -6.70 32.13
C LEU A 49 12.40 -6.28 33.06
N ASN A 50 12.02 -5.89 34.27
CA ASN A 50 13.00 -5.75 35.35
C ASN A 50 12.58 -6.57 36.57
N ALA A 51 13.54 -7.20 37.22
CA ALA A 51 13.21 -8.11 38.32
C ALA A 51 12.47 -7.44 39.48
N GLU A 52 12.94 -6.27 39.90
CA GLU A 52 12.33 -5.59 41.06
C GLU A 52 10.82 -5.39 40.93
N GLY A 53 10.38 -4.90 39.78
CA GLY A 53 8.97 -4.64 39.56
C GLY A 53 8.12 -5.88 39.71
N ILE A 54 8.68 -7.04 39.38
CA ILE A 54 7.95 -8.28 39.51
C ILE A 54 8.00 -8.80 40.93
N LEU A 55 9.18 -8.75 41.53
CA LEU A 55 9.36 -9.25 42.89
C LEU A 55 8.63 -8.40 43.93
N ALA A 56 8.34 -7.15 43.59
CA ALA A 56 7.63 -6.28 44.52
C ALA A 56 6.21 -6.77 44.75
N MET A 57 5.68 -7.53 43.78
CA MET A 57 4.35 -8.13 43.88
C MET A 57 4.34 -9.41 44.70
N LYS A 58 5.52 -9.82 45.16
CA LYS A 58 5.67 -11.03 45.96
C LYS A 58 4.89 -12.20 45.38
N PRO A 59 5.25 -12.62 44.16
CA PRO A 59 4.56 -13.75 43.54
C PRO A 59 5.05 -15.05 44.16
N THR A 60 4.26 -16.12 43.99
CA THR A 60 4.72 -17.45 44.31
C THR A 60 4.95 -18.20 43.00
N MET A 61 4.20 -17.78 41.97
CA MET A 61 4.36 -18.36 40.65
C MET A 61 4.43 -17.29 39.57
N LEU A 62 5.40 -17.45 38.68
CA LEU A 62 5.53 -16.58 37.52
C LEU A 62 5.26 -17.38 36.24
N LEU A 63 4.16 -17.07 35.56
CA LEU A 63 3.87 -17.67 34.26
C LEU A 63 4.31 -16.71 33.16
N VAL A 64 5.34 -17.09 32.40
CA VAL A 64 6.00 -16.19 31.45
C VAL A 64 6.10 -16.76 30.04
N SER A 65 5.67 -15.97 29.07
CA SER A 65 5.88 -16.29 27.67
C SER A 65 7.38 -16.40 27.40
N GLU A 66 7.75 -17.29 26.49
CA GLU A 66 9.15 -17.42 26.07
C GLU A 66 9.65 -16.15 25.38
N LEU A 67 8.72 -15.30 24.95
CA LEU A 67 9.07 -14.07 24.25
C LEU A 67 9.64 -13.03 25.22
N ALA A 68 9.61 -13.35 26.51
CA ALA A 68 10.04 -12.39 27.53
C ALA A 68 11.56 -12.20 27.55
N GLN A 69 11.98 -10.98 27.83
CA GLN A 69 13.39 -10.61 27.88
C GLN A 69 13.56 -9.54 28.96
N PRO A 70 14.75 -9.45 29.57
CA PRO A 70 15.92 -10.32 29.36
C PRO A 70 15.81 -11.59 30.17
N SER A 71 16.28 -12.70 29.58
CA SER A 71 16.08 -14.01 30.16
C SER A 71 16.65 -14.14 31.57
N LEU A 72 17.80 -13.51 31.81
CA LEU A 72 18.44 -13.59 33.12
C LEU A 72 17.55 -13.05 34.25
N VAL A 73 16.58 -12.19 33.92
CA VAL A 73 15.63 -11.73 34.93
C VAL A 73 14.77 -12.89 35.43
N LEU A 74 14.44 -13.81 34.55
CA LEU A 74 13.69 -15.01 34.94
C LEU A 74 14.55 -15.92 35.83
N THR A 75 15.81 -16.09 35.45
CA THR A 75 16.77 -16.85 36.24
C THR A 75 16.84 -16.25 37.64
N GLN A 76 17.02 -14.93 37.68
CA GLN A 76 17.15 -14.20 38.93
C GLN A 76 15.91 -14.33 39.79
N ILE A 77 14.73 -14.26 39.17
CA ILE A 77 13.48 -14.43 39.90
C ILE A 77 13.32 -15.87 40.41
N ALA A 78 13.79 -16.84 39.63
CA ALA A 78 13.68 -18.24 40.05
C ALA A 78 14.62 -18.56 41.22
N SER A 79 15.82 -17.99 41.19
CA SER A 79 16.79 -18.16 42.26
C SER A 79 16.25 -17.64 43.59
N SER A 80 15.42 -16.59 43.52
CA SER A 80 14.86 -16.02 44.73
C SER A 80 13.82 -16.96 45.30
N GLY A 81 13.48 -18.00 44.53
CA GLY A 81 12.62 -19.05 45.03
C GLY A 81 11.18 -19.05 44.58
N VAL A 82 10.85 -18.32 43.52
CA VAL A 82 9.49 -18.36 43.02
C VAL A 82 9.40 -19.38 41.88
N ASN A 83 8.25 -20.03 41.77
CA ASN A 83 8.04 -21.03 40.74
C ASN A 83 7.87 -20.38 39.38
N VAL A 84 8.89 -20.49 38.54
CA VAL A 84 8.89 -19.84 37.24
C VAL A 84 8.55 -20.83 36.13
N VAL A 85 7.39 -20.64 35.50
CA VAL A 85 6.90 -21.55 34.49
C VAL A 85 6.81 -20.87 33.13
N THR A 86 7.49 -21.48 32.16
CA THR A 86 7.67 -20.94 30.83
C THR A 86 6.54 -21.38 29.91
N VAL A 87 6.07 -20.47 29.07
CA VAL A 87 5.02 -20.79 28.12
C VAL A 87 5.55 -20.58 26.70
N PRO A 88 5.37 -21.58 25.84
CA PRO A 88 5.87 -21.55 24.46
C PRO A 88 5.46 -20.27 23.73
N GLY A 89 6.40 -19.68 22.99
CA GLY A 89 6.14 -18.44 22.29
C GLY A 89 6.10 -18.52 20.78
N GLN A 90 5.87 -19.71 20.22
CA GLN A 90 5.78 -19.87 18.76
C GLN A 90 4.61 -19.08 18.20
N THR A 91 4.84 -18.33 17.13
CA THR A 91 3.76 -17.61 16.47
C THR A 91 3.16 -18.50 15.40
N THR A 92 2.33 -19.44 15.86
CA THR A 92 1.75 -20.47 15.01
C THR A 92 0.38 -20.82 15.62
N PRO A 93 -0.62 -21.10 14.77
CA PRO A 93 -1.95 -21.45 15.31
C PRO A 93 -1.93 -22.76 16.10
N GLU A 94 -1.06 -23.69 15.71
CA GLU A 94 -0.93 -24.97 16.41
C GLU A 94 -0.24 -24.76 17.75
N SER A 95 0.48 -23.66 17.86
CA SER A 95 1.25 -23.36 19.07
C SER A 95 0.35 -23.04 20.27
N VAL A 96 -0.85 -22.53 19.99
CA VAL A 96 -1.76 -22.11 21.06
C VAL A 96 -2.17 -23.28 21.97
N ALA A 97 -2.43 -24.43 21.37
CA ALA A 97 -2.73 -25.64 22.14
C ALA A 97 -1.55 -26.01 23.05
N MET A 98 -0.32 -25.76 22.57
CA MET A 98 0.85 -25.96 23.42
C MET A 98 0.88 -24.97 24.57
N LYS A 99 0.49 -23.72 24.29
CA LYS A 99 0.46 -22.69 25.33
C LYS A 99 -0.56 -23.06 26.40
N ILE A 100 -1.76 -23.43 25.98
CA ILE A 100 -2.81 -23.78 26.92
C ILE A 100 -2.38 -24.94 27.80
N ASN A 101 -1.66 -25.87 27.20
CA ASN A 101 -1.23 -27.07 27.90
C ASN A 101 -0.24 -26.76 29.01
N ALA A 102 0.75 -25.95 28.70
CA ALA A 102 1.76 -25.58 29.69
C ALA A 102 1.13 -24.84 30.86
N VAL A 103 0.16 -23.97 30.55
CA VAL A 103 -0.48 -23.17 31.57
C VAL A 103 -1.30 -24.06 32.48
N ALA A 104 -2.10 -24.94 31.88
CA ALA A 104 -2.93 -25.86 32.65
C ALA A 104 -2.09 -26.80 33.51
N THR A 105 -1.04 -27.38 32.92
CA THR A 105 -0.16 -28.26 33.67
C THR A 105 0.37 -27.54 34.91
N ALA A 106 0.61 -26.24 34.76
CA ALA A 106 1.16 -25.43 35.85
C ALA A 106 0.10 -25.10 36.91
N LEU A 107 -1.14 -24.90 36.47
CA LEU A 107 -2.23 -24.60 37.40
C LEU A 107 -2.90 -25.86 37.94
N HIS A 108 -2.45 -27.02 37.47
CA HIS A 108 -3.06 -28.30 37.84
C HIS A 108 -4.52 -28.38 37.42
N GLN A 109 -4.84 -27.81 36.26
CA GLN A 109 -6.18 -27.90 35.70
C GLN A 109 -6.12 -28.57 34.33
N THR A 110 -5.39 -29.68 34.26
CA THR A 110 -5.17 -30.39 33.01
C THR A 110 -6.46 -30.61 32.21
N GLU A 111 -7.53 -30.98 32.91
CA GLU A 111 -8.80 -31.25 32.24
C GLU A 111 -9.44 -29.97 31.69
N LYS A 112 -9.40 -28.90 32.47
CA LYS A 112 -9.94 -27.62 32.02
C LYS A 112 -9.25 -27.18 30.75
N GLY A 113 -7.92 -27.30 30.73
CA GLY A 113 -7.14 -26.96 29.56
C GLY A 113 -7.49 -27.82 28.37
N GLN A 114 -7.59 -29.13 28.61
CA GLN A 114 -7.98 -30.08 27.57
C GLN A 114 -9.29 -29.65 26.91
N LYS A 115 -10.20 -29.11 27.72
CA LYS A 115 -11.48 -28.64 27.22
C LYS A 115 -11.30 -27.38 26.39
N LEU A 116 -10.48 -26.47 26.90
CA LEU A 116 -10.23 -25.20 26.24
C LEU A 116 -9.56 -25.45 24.88
N ILE A 117 -8.68 -26.43 24.85
CA ILE A 117 -8.00 -26.81 23.63
C ILE A 117 -8.98 -27.25 22.54
N GLU A 118 -9.90 -28.14 22.90
CA GLU A 118 -10.87 -28.64 21.94
C GLU A 118 -11.73 -27.52 21.36
N ASP A 119 -12.12 -26.56 22.19
CA ASP A 119 -12.89 -25.40 21.73
C ASP A 119 -12.09 -24.56 20.75
N TYR A 120 -10.82 -24.32 21.07
CA TYR A 120 -9.94 -23.56 20.19
C TYR A 120 -9.74 -24.27 18.84
N GLN A 121 -9.42 -25.56 18.89
CA GLN A 121 -9.26 -26.36 17.67
C GLN A 121 -10.55 -26.38 16.85
N GLN A 122 -11.67 -26.42 17.55
CA GLN A 122 -12.98 -26.48 16.91
C GLN A 122 -13.27 -25.15 16.22
N ARG A 123 -12.86 -24.05 16.85
CA ARG A 123 -13.04 -22.73 16.27
C ARG A 123 -12.03 -22.48 15.15
N LEU A 124 -10.79 -22.93 15.35
CA LEU A 124 -9.76 -22.78 14.33
C LEU A 124 -10.09 -23.55 13.07
N ALA A 125 -10.57 -24.78 13.24
CA ALA A 125 -10.88 -25.66 12.12
C ALA A 125 -11.95 -25.09 11.20
N ALA A 126 -12.84 -24.28 11.74
CA ALA A 126 -13.95 -23.74 10.96
C ALA A 126 -13.50 -22.68 9.95
N VAL A 127 -12.24 -22.25 10.05
CA VAL A 127 -11.72 -21.20 9.18
C VAL A 127 -11.10 -21.76 7.91
N ASN A 128 -11.51 -21.23 6.76
CA ASN A 128 -10.97 -21.68 5.48
C ASN A 128 -9.50 -21.31 5.30
N LYS A 129 -8.65 -22.33 5.29
CA LYS A 129 -7.20 -22.12 5.24
C LYS A 129 -6.66 -22.28 3.81
N THR A 130 -7.55 -22.31 2.83
CA THR A 130 -7.16 -22.43 1.43
C THR A 130 -6.43 -21.18 0.94
N PRO A 131 -5.22 -21.36 0.40
CA PRO A 131 -4.41 -20.23 -0.08
C PRO A 131 -5.13 -19.40 -1.14
N LEU A 132 -5.12 -18.08 -0.93
CA LEU A 132 -5.75 -17.12 -1.84
C LEU A 132 -4.68 -16.17 -2.36
N PRO A 133 -4.78 -15.79 -3.64
CA PRO A 133 -3.81 -14.90 -4.28
C PRO A 133 -3.96 -13.43 -3.87
N VAL A 134 -3.93 -13.16 -2.56
CA VAL A 134 -3.98 -11.79 -2.07
C VAL A 134 -2.74 -11.44 -1.23
N LYS A 135 -2.08 -10.34 -1.58
CA LYS A 135 -0.92 -9.86 -0.86
C LYS A 135 -1.34 -8.84 0.20
N VAL A 136 -0.76 -8.98 1.39
CA VAL A 136 -1.14 -8.14 2.52
C VAL A 136 0.05 -7.42 3.14
N LEU A 137 -0.10 -6.12 3.36
CA LEU A 137 0.93 -5.32 4.03
C LEU A 137 0.45 -4.94 5.42
N PHE A 138 1.15 -5.41 6.45
CA PHE A 138 0.81 -5.01 7.82
C PHE A 138 1.67 -3.84 8.27
N VAL A 139 1.00 -2.80 8.75
CA VAL A 139 1.68 -1.61 9.24
C VAL A 139 1.39 -1.37 10.71
N MET A 140 2.44 -1.13 11.48
CA MET A 140 2.29 -0.75 12.87
C MET A 140 2.58 0.74 13.01
N SER A 141 1.61 1.49 13.51
CA SER A 141 1.82 2.93 13.74
C SER A 141 1.74 3.30 15.22
N HIS A 142 2.79 3.96 15.69
CA HIS A 142 2.79 4.55 17.03
C HIS A 142 2.37 6.02 16.92
N GLY A 143 2.45 6.73 18.04
CA GLY A 143 2.17 8.15 18.04
C GLY A 143 3.40 8.96 17.68
N GLY A 144 4.57 8.49 18.11
CA GLY A 144 5.81 9.24 17.93
C GLY A 144 6.90 8.52 17.16
N LEU A 145 6.54 7.46 16.45
CA LEU A 145 7.53 6.72 15.66
C LEU A 145 7.11 6.61 14.20
N THR A 146 8.11 6.57 13.33
CA THR A 146 7.86 6.37 11.91
C THR A 146 7.09 5.06 11.72
N PRO A 147 6.17 5.02 10.74
CA PRO A 147 5.34 3.83 10.51
C PRO A 147 6.22 2.64 10.16
N MET A 148 5.79 1.42 10.50
CA MET A 148 6.62 0.26 10.23
C MET A 148 5.88 -0.93 9.62
N ALA A 149 6.56 -1.64 8.73
CA ALA A 149 6.01 -2.83 8.10
C ALA A 149 6.63 -4.10 8.65
N ALA A 150 5.84 -5.17 8.68
CA ALA A 150 6.31 -6.48 9.13
C ALA A 150 6.95 -7.29 8.01
N GLY A 151 8.17 -7.76 8.25
CA GLY A 151 8.79 -8.75 7.39
C GLY A 151 8.40 -10.14 7.86
N GLN A 152 9.20 -11.16 7.51
CA GLN A 152 8.92 -12.50 8.02
C GLN A 152 9.47 -12.67 9.45
N ASN A 153 9.17 -13.82 10.06
CA ASN A 153 9.51 -14.04 11.46
C ASN A 153 8.86 -13.01 12.36
N THR A 154 7.61 -12.69 12.03
CA THR A 154 6.78 -11.89 12.91
C THR A 154 5.45 -12.61 13.07
N ALA A 155 4.75 -12.32 14.16
CA ALA A 155 3.40 -12.81 14.36
C ALA A 155 2.50 -12.35 13.22
N ALA A 156 2.67 -11.11 12.80
CA ALA A 156 1.86 -10.56 11.71
C ALA A 156 2.00 -11.40 10.44
N ASP A 157 3.25 -11.68 10.07
CA ASP A 157 3.55 -12.49 8.90
C ASP A 157 2.98 -13.92 9.02
N ALA A 158 2.98 -14.46 10.23
CA ALA A 158 2.40 -15.79 10.45
C ALA A 158 0.88 -15.74 10.30
N MET A 159 0.29 -14.67 10.80
CA MET A 159 -1.15 -14.49 10.77
C MET A 159 -1.64 -14.42 9.34
N ILE A 160 -0.97 -13.59 8.55
CA ILE A 160 -1.29 -13.43 7.14
C ILE A 160 -1.22 -14.77 6.40
N ARG A 161 -0.12 -15.50 6.58
CA ARG A 161 0.03 -16.79 5.93
C ARG A 161 -1.02 -17.82 6.40
N ALA A 162 -1.34 -17.79 7.68
CA ALA A 162 -2.33 -18.72 8.22
C ALA A 162 -3.73 -18.46 7.67
N ALA A 163 -4.03 -17.23 7.31
CA ALA A 163 -5.33 -16.92 6.73
C ALA A 163 -5.39 -17.30 5.25
N GLY A 164 -4.25 -17.73 4.70
CA GLY A 164 -4.20 -18.15 3.32
C GLY A 164 -3.69 -17.06 2.39
N GLY A 165 -3.12 -16.01 2.98
CA GLY A 165 -2.65 -14.87 2.20
C GLY A 165 -1.15 -14.80 2.08
N SER A 166 -0.67 -13.76 1.42
CA SER A 166 0.75 -13.59 1.16
C SER A 166 1.28 -12.29 1.77
N ASN A 167 2.46 -12.31 2.36
CA ASN A 167 3.04 -11.09 2.89
C ASN A 167 3.66 -10.25 1.78
N ALA A 168 3.07 -9.08 1.51
CA ALA A 168 3.58 -8.18 0.48
C ALA A 168 5.06 -7.83 0.72
N MET A 169 5.41 -7.61 1.98
CA MET A 169 6.80 -7.37 2.32
C MET A 169 7.51 -8.70 2.34
N GLN A 170 8.62 -8.77 1.62
CA GLN A 170 9.39 -10.00 1.54
C GLN A 170 10.89 -9.71 1.58
N GLY A 171 11.69 -10.71 1.94
CA GLY A 171 13.13 -10.57 1.90
C GLY A 171 13.79 -9.96 3.13
N PHE A 172 13.05 -9.85 4.22
CA PHE A 172 13.63 -9.34 5.47
C PHE A 172 12.84 -9.79 6.70
N SER A 173 13.42 -9.64 7.88
CA SER A 173 12.80 -10.14 9.10
C SER A 173 12.49 -9.03 10.07
N ARG A 174 11.51 -9.25 10.94
CA ARG A 174 11.09 -8.25 11.89
C ARG A 174 10.52 -7.04 11.14
N TYR A 175 10.69 -5.86 11.71
CA TYR A 175 10.04 -4.67 11.19
C TYR A 175 11.05 -3.69 10.59
N ARG A 176 10.59 -2.90 9.62
CA ARG A 176 11.39 -1.84 9.02
C ARG A 176 10.53 -0.61 8.83
N PRO A 177 11.16 0.57 8.79
CA PRO A 177 10.44 1.81 8.49
C PRO A 177 9.85 1.78 7.09
N LEU A 178 8.65 2.34 6.94
CA LEU A 178 8.04 2.49 5.63
C LEU A 178 8.81 3.48 4.76
N SER A 179 8.95 3.15 3.48
CA SER A 179 9.44 4.10 2.49
C SER A 179 8.55 4.01 1.26
N GLN A 180 8.36 5.12 0.55
CA GLN A 180 7.42 5.09 -0.58
C GLN A 180 7.75 4.01 -1.59
N GLU A 181 9.02 3.86 -1.95
CA GLU A 181 9.43 2.84 -2.92
C GLU A 181 9.24 1.43 -2.40
N GLY A 182 9.64 1.21 -1.15
CA GLY A 182 9.48 -0.10 -0.53
C GLY A 182 8.03 -0.53 -0.58
N VAL A 183 7.16 0.33 -0.07
CA VAL A 183 5.73 0.06 -0.03
C VAL A 183 5.14 -0.19 -1.41
N ILE A 184 5.53 0.63 -2.37
CA ILE A 184 4.96 0.57 -3.71
C ILE A 184 5.38 -0.69 -4.45
N ALA A 185 6.61 -1.14 -4.21
CA ALA A 185 7.11 -2.36 -4.82
C ALA A 185 6.39 -3.56 -4.21
N SER A 186 6.10 -3.45 -2.91
CA SER A 186 5.34 -4.45 -2.17
C SER A 186 4.03 -4.76 -2.87
N ALA A 187 3.37 -3.70 -3.34
CA ALA A 187 2.11 -3.84 -4.08
C ALA A 187 1.09 -4.68 -3.33
N PRO A 188 0.72 -4.24 -2.12
CA PRO A 188 -0.29 -4.96 -1.34
C PRO A 188 -1.67 -4.82 -1.97
N ASP A 189 -2.50 -5.84 -1.84
CA ASP A 189 -3.89 -5.74 -2.27
C ASP A 189 -4.74 -5.30 -1.09
N LEU A 190 -4.22 -5.51 0.11
CA LEU A 190 -4.94 -5.18 1.34
C LEU A 190 -3.99 -4.60 2.38
N LEU A 191 -4.39 -3.51 3.01
CA LEU A 191 -3.63 -2.92 4.10
C LEU A 191 -4.20 -3.39 5.43
N LEU A 192 -3.34 -4.00 6.24
CA LEU A 192 -3.73 -4.48 7.55
C LEU A 192 -3.09 -3.61 8.63
N ILE A 193 -3.91 -3.06 9.52
CA ILE A 193 -3.40 -2.23 10.63
C ILE A 193 -4.17 -2.47 11.94
N THR A 194 -3.59 -1.98 13.04
CA THR A 194 -4.18 -2.23 14.34
C THR A 194 -5.11 -1.09 14.76
N THR A 195 -5.96 -1.38 15.74
CA THR A 195 -6.84 -0.38 16.33
C THR A 195 -6.08 0.84 16.84
N ASP A 196 -4.99 0.59 17.54
CA ASP A 196 -4.18 1.67 18.09
C ASP A 196 -3.45 2.43 16.98
N GLY A 197 -3.01 1.71 15.96
CA GLY A 197 -2.36 2.35 14.82
C GLY A 197 -3.30 3.39 14.22
N VAL A 198 -4.58 3.07 14.19
CA VAL A 198 -5.58 4.00 13.68
C VAL A 198 -5.66 5.26 14.53
N LYS A 199 -5.72 5.08 15.84
CA LYS A 199 -5.82 6.22 16.75
C LYS A 199 -4.58 7.11 16.62
N ALA A 200 -3.42 6.48 16.50
CA ALA A 200 -2.16 7.22 16.35
C ALA A 200 -2.15 8.08 15.09
N LEU A 201 -2.79 7.60 14.04
CA LEU A 201 -2.76 8.26 12.73
C LEU A 201 -3.75 9.42 12.63
N GLY A 202 -4.90 9.27 13.27
CA GLY A 202 -5.95 10.26 13.19
C GLY A 202 -7.17 9.71 12.47
N SER A 203 -7.32 10.06 11.20
CA SER A 203 -8.44 9.58 10.41
C SER A 203 -7.95 8.77 9.23
N SER A 204 -8.88 8.20 8.49
CA SER A 204 -8.55 7.44 7.29
C SER A 204 -7.71 8.28 6.34
N GLU A 205 -7.88 9.59 6.42
CA GLU A 205 -7.09 10.53 5.62
C GLU A 205 -5.61 10.22 5.76
N ASN A 206 -5.12 10.31 6.99
CA ASN A 206 -3.71 10.07 7.27
C ASN A 206 -3.28 8.65 6.92
N ILE A 207 -4.20 7.71 7.06
CA ILE A 207 -3.93 6.32 6.73
C ILE A 207 -3.34 6.21 5.32
N TRP A 208 -3.99 6.85 4.35
CA TRP A 208 -3.57 6.69 2.96
C TRP A 208 -2.48 7.67 2.58
N LYS A 209 -2.11 8.53 3.53
CA LYS A 209 -0.94 9.37 3.40
C LYS A 209 0.33 8.65 3.84
N LEU A 210 0.21 7.41 4.31
CA LEU A 210 1.40 6.60 4.61
C LEU A 210 2.26 6.49 3.36
N PRO A 211 3.58 6.49 3.53
CA PRO A 211 4.54 6.56 2.43
C PRO A 211 4.27 5.52 1.32
N GLY A 212 3.75 5.99 0.20
CA GLY A 212 3.55 5.14 -0.97
C GLY A 212 2.24 4.39 -1.00
N MET A 213 1.44 4.54 0.06
CA MET A 213 0.26 3.70 0.23
C MET A 213 -0.78 3.94 -0.85
N ALA A 214 -0.95 5.19 -1.25
CA ALA A 214 -1.92 5.54 -2.28
C ALA A 214 -1.54 4.95 -3.64
N LEU A 215 -0.24 4.74 -3.85
CA LEU A 215 0.25 4.18 -5.11
C LEU A 215 0.41 2.66 -5.02
N THR A 216 -0.51 2.02 -4.30
CA THR A 216 -0.59 0.56 -4.23
C THR A 216 -2.03 0.19 -4.54
N PRO A 217 -2.26 -1.05 -4.99
CA PRO A 217 -3.63 -1.51 -5.27
C PRO A 217 -4.52 -1.37 -4.05
N ALA A 218 -3.94 -1.49 -2.86
CA ALA A 218 -4.68 -1.35 -1.62
C ALA A 218 -5.18 0.08 -1.47
N GLY A 219 -4.32 1.05 -1.77
CA GLY A 219 -4.66 2.45 -1.64
C GLY A 219 -5.63 2.93 -2.71
N LYS A 220 -5.61 2.25 -3.85
CA LYS A 220 -6.50 2.60 -4.94
C LYS A 220 -7.93 2.15 -4.65
N HIS A 221 -8.08 0.99 -4.01
CA HIS A 221 -9.40 0.48 -3.68
C HIS A 221 -9.74 0.67 -2.20
N LYS A 222 -8.96 1.52 -1.54
CA LYS A 222 -9.12 1.74 -0.10
C LYS A 222 -9.41 0.45 0.68
N ARG A 223 -8.75 -0.63 0.30
CA ARG A 223 -8.94 -1.91 0.98
C ARG A 223 -8.17 -1.95 2.31
N LEU A 224 -8.92 -1.90 3.40
CA LEU A 224 -8.36 -1.75 4.73
C LEU A 224 -8.99 -2.78 5.67
N LEU A 225 -8.19 -3.24 6.64
CA LEU A 225 -8.70 -4.07 7.73
C LEU A 225 -8.04 -3.70 9.05
N VAL A 226 -8.86 -3.31 10.03
CA VAL A 226 -8.37 -2.85 11.32
C VAL A 226 -8.68 -3.88 12.40
N VAL A 227 -7.63 -4.37 13.07
CA VAL A 227 -7.82 -5.39 14.10
C VAL A 227 -7.16 -5.02 15.42
N ASP A 228 -7.69 -5.57 16.51
CA ASP A 228 -7.10 -5.38 17.83
C ASP A 228 -5.64 -5.81 17.84
N ASP A 229 -4.79 -4.95 18.39
CA ASP A 229 -3.35 -5.18 18.42
C ASP A 229 -2.94 -6.56 18.93
N MET A 230 -3.39 -6.92 20.14
CA MET A 230 -2.96 -8.18 20.74
C MET A 230 -3.76 -9.36 20.21
N ALA A 231 -4.98 -9.09 19.77
CA ALA A 231 -5.78 -10.15 19.18
C ALA A 231 -5.07 -10.64 17.92
N LEU A 232 -4.53 -9.69 17.16
CA LEU A 232 -3.87 -10.00 15.90
C LEU A 232 -2.50 -10.64 16.07
N LEU A 233 -1.76 -10.16 17.06
CA LEU A 233 -0.35 -10.48 17.16
C LEU A 233 0.00 -11.40 18.33
N GLY A 234 -0.95 -11.61 19.23
CA GLY A 234 -0.68 -12.28 20.48
C GLY A 234 -0.69 -13.79 20.39
N PHE A 235 -1.28 -14.32 19.32
CA PHE A 235 -1.43 -15.75 19.16
C PHE A 235 -1.92 -16.42 20.44
N GLY A 236 -3.07 -15.96 20.91
CA GLY A 236 -3.77 -16.58 22.04
C GLY A 236 -5.13 -17.10 21.60
N LEU A 237 -6.08 -17.13 22.54
CA LEU A 237 -7.40 -17.70 22.31
C LEU A 237 -8.22 -17.01 21.20
N GLU A 238 -7.93 -15.75 20.93
CA GLU A 238 -8.70 -14.98 19.95
C GLU A 238 -8.17 -15.14 18.53
N THR A 239 -7.18 -16.00 18.37
CA THR A 239 -6.56 -16.23 17.06
C THR A 239 -7.54 -16.68 15.98
N PRO A 240 -8.41 -17.66 16.28
CA PRO A 240 -9.34 -18.12 15.25
C PRO A 240 -10.21 -16.99 14.75
N GLN A 241 -10.74 -16.19 15.66
CA GLN A 241 -11.63 -15.11 15.30
C GLN A 241 -10.95 -14.11 14.39
N VAL A 242 -9.69 -13.80 14.69
CA VAL A 242 -8.94 -12.84 13.89
C VAL A 242 -8.62 -13.41 12.51
N LEU A 243 -8.28 -14.70 12.46
CA LEU A 243 -8.07 -15.35 11.18
C LEU A 243 -9.36 -15.31 10.35
N ALA A 244 -10.51 -15.27 11.03
CA ALA A 244 -11.79 -15.25 10.34
C ALA A 244 -12.02 -13.91 9.65
N GLN A 245 -11.81 -12.81 10.38
CA GLN A 245 -11.97 -11.48 9.81
C GLN A 245 -11.07 -11.36 8.59
N LEU A 246 -9.83 -11.82 8.74
CA LEU A 246 -8.83 -11.72 7.69
C LEU A 246 -9.21 -12.56 6.47
N ARG A 247 -9.65 -13.79 6.73
CA ARG A 247 -10.04 -14.70 5.66
C ARG A 247 -11.24 -14.11 4.91
N GLU A 248 -12.25 -13.71 5.66
CA GLU A 248 -13.46 -13.15 5.08
C GLU A 248 -13.13 -11.97 4.17
N LYS A 249 -12.38 -11.01 4.71
CA LYS A 249 -11.99 -9.84 3.93
C LYS A 249 -11.25 -10.20 2.64
N MET A 250 -10.44 -11.26 2.69
CA MET A 250 -9.72 -11.70 1.50
C MET A 250 -10.66 -12.35 0.49
N GLU A 251 -11.43 -13.34 0.94
CA GLU A 251 -12.40 -14.00 0.06
C GLU A 251 -13.29 -12.97 -0.63
N GLN A 252 -13.77 -12.00 0.16
CA GLN A 252 -14.67 -10.97 -0.32
C GLN A 252 -14.03 -10.09 -1.40
N MET A 253 -12.75 -10.28 -1.66
CA MET A 253 -12.03 -9.46 -2.63
C MET A 253 -11.94 -10.13 -4.01
N GLN A 254 -12.68 -11.21 -4.19
CA GLN A 254 -12.73 -11.88 -5.49
C GLN A 254 -13.70 -11.20 -6.44
N ALA B 1 -27.50 0.92 -30.66
CA ALA B 1 -26.56 0.25 -29.78
C ALA B 1 -25.12 0.48 -30.23
N GLU B 2 -24.54 1.59 -29.80
CA GLU B 2 -23.19 1.98 -30.21
C GLU B 2 -22.10 1.03 -29.72
N ARG B 3 -21.08 0.87 -30.56
CA ARG B 3 -19.88 0.12 -30.19
C ARG B 3 -18.68 1.05 -30.32
N ILE B 4 -18.14 1.48 -29.18
CA ILE B 4 -17.09 2.51 -29.15
C ILE B 4 -15.71 1.97 -28.81
N VAL B 5 -14.71 2.35 -29.61
CA VAL B 5 -13.33 2.05 -29.28
C VAL B 5 -12.59 3.31 -28.87
N THR B 6 -12.18 3.38 -27.61
CA THR B 6 -11.50 4.56 -27.10
C THR B 6 -9.99 4.37 -27.18
N ILE B 7 -9.30 5.42 -27.61
CA ILE B 7 -7.85 5.36 -27.77
C ILE B 7 -7.14 6.53 -27.13
N GLY B 8 -6.42 6.24 -26.04
CA GLY B 8 -5.78 7.24 -25.22
C GLY B 8 -6.28 7.13 -23.80
N GLY B 9 -5.40 6.77 -22.87
CA GLY B 9 -5.76 6.62 -21.47
C GLY B 9 -6.62 7.78 -20.98
N ASP B 10 -6.22 9.00 -21.34
CA ASP B 10 -6.98 10.20 -21.02
C ASP B 10 -8.40 10.18 -21.62
N VAL B 11 -8.49 9.78 -22.88
CA VAL B 11 -9.78 9.66 -23.58
C VAL B 11 -10.71 8.59 -23.00
N THR B 12 -10.17 7.41 -22.74
CA THR B 12 -10.94 6.31 -22.15
C THR B 12 -11.51 6.74 -20.81
N GLU B 13 -10.63 7.29 -19.96
CA GLU B 13 -11.00 7.75 -18.63
C GLU B 13 -12.11 8.79 -18.73
N ILE B 14 -11.96 9.73 -19.66
CA ILE B 14 -12.94 10.80 -19.82
C ILE B 14 -14.27 10.27 -20.33
N ALA B 15 -14.22 9.36 -21.30
CA ALA B 15 -15.41 8.75 -21.86
C ALA B 15 -16.18 8.00 -20.78
N TYR B 16 -15.44 7.29 -19.93
CA TYR B 16 -16.03 6.57 -18.81
C TYR B 16 -16.62 7.55 -17.80
N ALA B 17 -15.95 8.68 -17.62
CA ALA B 17 -16.42 9.70 -16.69
C ALA B 17 -17.73 10.31 -17.17
N LEU B 18 -18.01 10.17 -18.46
CA LEU B 18 -19.22 10.72 -19.05
C LEU B 18 -20.29 9.63 -19.24
N GLY B 19 -20.05 8.47 -18.65
CA GLY B 19 -21.04 7.41 -18.58
C GLY B 19 -21.17 6.53 -19.82
N ALA B 20 -20.06 6.29 -20.50
CA ALA B 20 -20.10 5.58 -21.77
C ALA B 20 -19.68 4.10 -21.70
N GLY B 21 -19.00 3.75 -20.62
CA GLY B 21 -18.41 2.42 -20.48
C GLY B 21 -19.17 1.24 -21.05
N ASP B 22 -20.49 1.20 -20.83
CA ASP B 22 -21.31 0.07 -21.26
C ASP B 22 -21.33 -0.10 -22.78
N GLU B 23 -20.76 0.86 -23.50
CA GLU B 23 -20.74 0.81 -24.96
C GLU B 23 -19.32 0.85 -25.51
N ILE B 24 -18.33 0.82 -24.62
CA ILE B 24 -16.94 0.76 -25.03
C ILE B 24 -16.49 -0.70 -25.11
N VAL B 25 -16.29 -1.18 -26.32
CA VAL B 25 -16.00 -2.59 -26.56
C VAL B 25 -14.50 -2.90 -26.57
N ALA B 26 -13.68 -1.85 -26.62
CA ALA B 26 -12.23 -2.05 -26.62
C ALA B 26 -11.47 -0.75 -26.36
N ARG B 27 -10.17 -0.88 -26.10
CA ARG B 27 -9.32 0.29 -25.90
C ARG B 27 -7.88 0.00 -26.32
N ASP B 28 -7.02 1.00 -26.18
CA ASP B 28 -5.60 0.84 -26.51
C ASP B 28 -4.79 0.54 -25.23
N SER B 29 -3.50 0.23 -25.41
CA SER B 29 -2.65 -0.22 -24.31
C SER B 29 -2.48 0.84 -23.22
N THR B 30 -2.67 2.12 -23.55
CA THR B 30 -2.45 3.16 -22.56
C THR B 30 -3.71 3.45 -21.76
N SER B 31 -4.78 2.71 -22.04
CA SER B 31 -6.02 2.87 -21.28
C SER B 31 -6.20 1.76 -20.24
N GLN B 32 -5.74 2.03 -19.01
CA GLN B 32 -5.89 1.07 -17.92
C GLN B 32 -6.86 1.60 -16.86
N GLN B 33 -7.43 2.77 -17.13
CA GLN B 33 -8.36 3.40 -16.20
C GLN B 33 -9.67 3.77 -16.89
N PRO B 34 -10.80 3.49 -16.22
CA PRO B 34 -10.85 2.88 -14.88
C PRO B 34 -10.65 1.37 -14.96
N GLN B 35 -11.03 0.66 -13.91
CA GLN B 35 -10.79 -0.78 -13.82
C GLN B 35 -11.58 -1.56 -14.89
N ALA B 36 -12.80 -1.11 -15.17
CA ALA B 36 -13.61 -1.70 -16.24
C ALA B 36 -12.76 -1.89 -17.49
N ALA B 37 -12.19 -0.77 -17.96
CA ALA B 37 -11.35 -0.75 -19.15
C ALA B 37 -10.31 -1.87 -19.23
N GLN B 38 -9.86 -2.37 -18.10
CA GLN B 38 -8.82 -3.41 -18.10
C GLN B 38 -9.36 -4.75 -18.57
N LYS B 39 -10.65 -4.98 -18.36
CA LYS B 39 -11.26 -6.23 -18.78
C LYS B 39 -11.55 -6.24 -20.28
N LEU B 40 -11.53 -5.06 -20.90
CA LEU B 40 -11.82 -4.94 -22.32
C LEU B 40 -10.63 -5.39 -23.17
N PRO B 41 -10.92 -5.82 -24.40
CA PRO B 41 -9.89 -6.12 -25.41
C PRO B 41 -8.94 -4.95 -25.64
N ASP B 42 -7.70 -5.26 -26.02
CA ASP B 42 -6.68 -4.25 -26.26
C ASP B 42 -6.30 -4.25 -27.74
N VAL B 43 -6.63 -3.15 -28.42
CA VAL B 43 -6.45 -3.03 -29.87
C VAL B 43 -5.00 -2.77 -30.29
N GLY B 44 -4.16 -2.41 -29.32
CA GLY B 44 -2.78 -2.09 -29.61
C GLY B 44 -2.34 -0.82 -28.91
N TYR B 45 -1.08 -0.44 -29.10
CA TYR B 45 -0.53 0.77 -28.51
C TYR B 45 -0.88 2.02 -29.33
N MET B 46 -1.40 3.03 -28.64
CA MET B 46 -1.84 4.29 -29.26
C MET B 46 -0.91 4.88 -30.33
N ARG B 47 0.40 4.68 -30.18
CA ARG B 47 1.35 5.32 -31.07
C ARG B 47 1.84 4.42 -32.21
N THR B 48 1.45 3.15 -32.15
CA THR B 48 1.76 2.23 -33.22
C THR B 48 0.53 1.38 -33.56
N LEU B 49 -0.57 2.05 -33.85
CA LEU B 49 -1.82 1.35 -34.13
C LEU B 49 -1.72 0.48 -35.38
N ASN B 50 -2.77 -0.29 -35.62
CA ASN B 50 -2.98 -0.96 -36.89
C ASN B 50 -4.46 -1.01 -37.20
N ALA B 51 -4.84 -0.72 -38.44
CA ALA B 51 -6.24 -0.71 -38.82
C ALA B 51 -6.96 -2.01 -38.46
N GLU B 52 -6.34 -3.14 -38.79
CA GLU B 52 -6.96 -4.46 -38.60
C GLU B 52 -7.48 -4.72 -37.19
N GLY B 53 -6.62 -4.51 -36.19
CA GLY B 53 -6.98 -4.77 -34.80
C GLY B 53 -8.17 -3.97 -34.30
N ILE B 54 -8.32 -2.76 -34.80
CA ILE B 54 -9.45 -1.92 -34.42
C ILE B 54 -10.74 -2.35 -35.12
N LEU B 55 -10.67 -2.48 -36.43
CA LEU B 55 -11.83 -2.89 -37.22
C LEU B 55 -12.39 -4.23 -36.78
N ALA B 56 -11.51 -5.13 -36.31
CA ALA B 56 -11.95 -6.44 -35.86
C ALA B 56 -13.04 -6.35 -34.80
N MET B 57 -13.05 -5.25 -34.06
CA MET B 57 -14.01 -5.03 -32.98
C MET B 57 -15.35 -4.52 -33.49
N LYS B 58 -15.49 -4.41 -34.82
CA LYS B 58 -16.66 -3.80 -35.43
C LYS B 58 -17.23 -2.63 -34.64
N PRO B 59 -16.44 -1.54 -34.53
CA PRO B 59 -16.89 -0.34 -33.84
C PRO B 59 -17.75 0.54 -34.74
N THR B 60 -18.64 1.32 -34.14
CA THR B 60 -19.37 2.36 -34.87
C THR B 60 -18.59 3.66 -34.73
N MET B 61 -18.26 4.01 -33.49
CA MET B 61 -17.52 5.23 -33.20
C MET B 61 -16.12 4.95 -32.64
N LEU B 62 -15.13 5.67 -33.15
CA LEU B 62 -13.77 5.59 -32.64
C LEU B 62 -13.31 6.92 -32.02
N LEU B 63 -13.14 6.93 -30.70
CA LEU B 63 -12.62 8.10 -29.99
C LEU B 63 -11.11 7.98 -29.86
N VAL B 64 -10.38 8.85 -30.56
CA VAL B 64 -8.93 8.80 -30.58
C VAL B 64 -8.33 10.07 -30.00
N SER B 65 -7.30 9.90 -29.18
CA SER B 65 -6.44 11.02 -28.84
C SER B 65 -5.73 11.42 -30.11
N GLU B 66 -5.32 12.69 -30.16
CA GLU B 66 -4.63 13.21 -31.33
C GLU B 66 -3.19 12.73 -31.40
N LEU B 67 -2.70 12.18 -30.29
CA LEU B 67 -1.33 11.66 -30.26
C LEU B 67 -1.28 10.28 -30.93
N ALA B 68 -2.44 9.75 -31.27
CA ALA B 68 -2.54 8.45 -31.93
C ALA B 68 -1.76 8.44 -33.25
N GLN B 69 -1.19 7.29 -33.57
CA GLN B 69 -0.44 7.11 -34.81
C GLN B 69 -0.41 5.64 -35.24
N PRO B 70 -0.22 5.38 -36.54
CA PRO B 70 -0.06 6.40 -37.59
C PRO B 70 -1.39 7.00 -38.06
N SER B 71 -1.34 8.21 -38.59
CA SER B 71 -2.52 8.99 -38.94
C SER B 71 -3.39 8.30 -39.97
N LEU B 72 -2.76 7.68 -40.97
CA LEU B 72 -3.48 7.03 -42.04
C LEU B 72 -4.33 5.84 -41.57
N VAL B 73 -3.98 5.25 -40.44
CA VAL B 73 -4.82 4.18 -39.89
C VAL B 73 -6.19 4.74 -39.55
N LEU B 74 -6.21 5.94 -38.98
CA LEU B 74 -7.45 6.63 -38.68
C LEU B 74 -8.19 6.98 -39.97
N THR B 75 -7.42 7.26 -41.02
CA THR B 75 -7.97 7.53 -42.34
C THR B 75 -8.72 6.31 -42.86
N GLN B 76 -8.05 5.16 -42.88
CA GLN B 76 -8.67 3.91 -43.31
C GLN B 76 -9.95 3.64 -42.53
N ILE B 77 -9.86 3.76 -41.22
CA ILE B 77 -10.99 3.43 -40.37
C ILE B 77 -12.18 4.33 -40.65
N ALA B 78 -11.90 5.55 -41.11
CA ALA B 78 -12.94 6.48 -41.52
C ALA B 78 -13.57 6.02 -42.83
N SER B 79 -12.73 5.71 -43.82
CA SER B 79 -13.17 5.22 -45.13
C SER B 79 -14.11 4.03 -45.01
N SER B 80 -13.74 3.07 -44.17
CA SER B 80 -14.53 1.85 -43.99
C SER B 80 -15.90 2.13 -43.42
N GLY B 81 -16.14 3.38 -43.02
CA GLY B 81 -17.46 3.78 -42.56
C GLY B 81 -17.66 3.81 -41.06
N VAL B 82 -16.60 4.09 -40.30
CA VAL B 82 -16.77 4.28 -38.86
C VAL B 82 -16.56 5.75 -38.49
N ASN B 83 -17.35 6.19 -37.50
CA ASN B 83 -17.33 7.56 -37.03
C ASN B 83 -16.09 7.88 -36.18
N VAL B 84 -15.10 8.52 -36.81
CA VAL B 84 -13.83 8.80 -36.15
C VAL B 84 -13.78 10.22 -35.57
N VAL B 85 -13.89 10.29 -34.24
CA VAL B 85 -13.80 11.56 -33.54
C VAL B 85 -12.45 11.70 -32.88
N THR B 86 -11.76 12.80 -33.14
CA THR B 86 -10.43 12.99 -32.59
C THR B 86 -10.44 13.96 -31.41
N VAL B 87 -9.82 13.54 -30.31
CA VAL B 87 -9.72 14.33 -29.10
C VAL B 87 -8.35 15.02 -29.07
N PRO B 88 -8.34 16.31 -28.70
CA PRO B 88 -7.10 17.10 -28.69
C PRO B 88 -6.07 16.51 -27.73
N GLY B 89 -4.78 16.62 -28.06
CA GLY B 89 -3.75 16.05 -27.22
C GLY B 89 -2.61 16.98 -26.81
N GLN B 90 -2.91 18.26 -26.60
CA GLN B 90 -1.88 19.18 -26.11
C GLN B 90 -1.57 18.85 -24.67
N THR B 91 -0.29 18.88 -24.33
CA THR B 91 0.15 18.56 -22.97
C THR B 91 0.24 19.82 -22.12
N THR B 92 -0.91 20.38 -21.77
CA THR B 92 -1.00 21.47 -20.81
C THR B 92 -2.23 21.25 -19.93
N PRO B 93 -2.18 21.72 -18.67
CA PRO B 93 -3.32 21.47 -17.78
C PRO B 93 -4.64 22.03 -18.33
N GLU B 94 -4.57 23.11 -19.10
CA GLU B 94 -5.76 23.72 -19.70
C GLU B 94 -6.35 22.82 -20.77
N SER B 95 -5.49 22.30 -21.63
CA SER B 95 -5.89 21.43 -22.72
C SER B 95 -6.87 20.33 -22.30
N VAL B 96 -6.87 19.98 -21.01
CA VAL B 96 -7.73 18.90 -20.53
C VAL B 96 -9.22 19.27 -20.59
N ALA B 97 -9.53 20.57 -20.56
CA ALA B 97 -10.90 21.02 -20.71
C ALA B 97 -11.39 20.78 -22.15
N MET B 98 -10.51 21.03 -23.10
CA MET B 98 -10.81 20.84 -24.51
C MET B 98 -10.97 19.37 -24.87
N LYS B 99 -10.44 18.49 -24.03
CA LYS B 99 -10.61 17.06 -24.25
C LYS B 99 -11.99 16.65 -23.79
N ILE B 100 -12.38 17.12 -22.61
CA ILE B 100 -13.71 16.78 -22.07
C ILE B 100 -14.80 17.25 -23.02
N ASN B 101 -14.67 18.47 -23.53
CA ASN B 101 -15.64 19.00 -24.46
C ASN B 101 -15.72 18.14 -25.72
N ALA B 102 -14.56 17.79 -26.29
CA ALA B 102 -14.52 16.96 -27.48
C ALA B 102 -15.30 15.66 -27.29
N VAL B 103 -15.05 14.97 -26.18
CA VAL B 103 -15.73 13.73 -25.88
C VAL B 103 -17.20 13.98 -25.54
N ALA B 104 -17.45 14.94 -24.66
CA ALA B 104 -18.81 15.28 -24.26
C ALA B 104 -19.71 15.54 -25.47
N THR B 105 -19.16 16.27 -26.44
CA THR B 105 -19.88 16.59 -27.67
C THR B 105 -20.25 15.30 -28.42
N ALA B 106 -19.27 14.44 -28.60
CA ALA B 106 -19.47 13.19 -29.35
C ALA B 106 -20.43 12.24 -28.64
N LEU B 107 -20.38 12.23 -27.31
CA LEU B 107 -21.24 11.33 -26.54
C LEU B 107 -22.67 11.87 -26.46
N HIS B 108 -22.86 13.10 -26.95
CA HIS B 108 -24.15 13.77 -26.82
C HIS B 108 -24.46 14.01 -25.34
N GLN B 109 -23.42 14.34 -24.57
CA GLN B 109 -23.59 14.57 -23.14
C GLN B 109 -22.95 15.88 -22.71
N THR B 110 -23.19 16.93 -23.49
CA THR B 110 -22.59 18.23 -23.23
C THR B 110 -22.84 18.70 -21.81
N GLU B 111 -24.03 18.39 -21.29
CA GLU B 111 -24.37 18.76 -19.93
C GLU B 111 -23.40 18.16 -18.93
N LYS B 112 -23.38 16.83 -18.87
CA LYS B 112 -22.49 16.13 -17.97
C LYS B 112 -21.04 16.55 -18.23
N GLY B 113 -20.73 16.82 -19.49
CA GLY B 113 -19.40 17.24 -19.88
C GLY B 113 -19.01 18.58 -19.29
N GLN B 114 -19.97 19.48 -19.17
CA GLN B 114 -19.69 20.80 -18.62
C GLN B 114 -19.49 20.74 -17.11
N LYS B 115 -20.29 19.91 -16.43
CA LYS B 115 -20.12 19.68 -15.00
C LYS B 115 -18.73 19.14 -14.73
N LEU B 116 -18.32 18.17 -15.52
CA LEU B 116 -17.02 17.53 -15.38
C LEU B 116 -15.91 18.57 -15.48
N ILE B 117 -16.07 19.49 -16.44
CA ILE B 117 -15.07 20.53 -16.67
C ILE B 117 -14.92 21.52 -15.52
N GLU B 118 -16.03 22.08 -15.05
CA GLU B 118 -15.96 23.03 -13.93
C GLU B 118 -15.40 22.35 -12.69
N ASP B 119 -15.63 21.04 -12.58
CA ASP B 119 -15.08 20.27 -11.46
C ASP B 119 -13.57 20.14 -11.60
N TYR B 120 -13.12 19.92 -12.83
CA TYR B 120 -11.69 19.89 -13.13
C TYR B 120 -11.05 21.25 -12.89
N GLN B 121 -11.63 22.28 -13.51
CA GLN B 121 -11.14 23.66 -13.39
C GLN B 121 -10.94 24.04 -11.93
N GLN B 122 -11.94 23.75 -11.12
CA GLN B 122 -11.91 24.02 -9.69
C GLN B 122 -10.74 23.30 -9.02
N ARG B 123 -10.59 22.01 -9.33
CA ARG B 123 -9.55 21.22 -8.68
C ARG B 123 -8.17 21.78 -9.01
N LEU B 124 -7.97 22.15 -10.28
CA LEU B 124 -6.67 22.65 -10.73
C LEU B 124 -6.24 23.99 -10.07
N ALA B 125 -7.19 24.92 -9.95
CA ALA B 125 -6.87 26.26 -9.45
C ALA B 125 -6.31 26.27 -8.03
N ALA B 126 -6.32 25.11 -7.38
CA ALA B 126 -5.90 25.01 -5.98
C ALA B 126 -4.40 24.80 -5.81
N VAL B 127 -3.69 24.68 -6.93
CA VAL B 127 -2.25 24.46 -6.89
C VAL B 127 -1.49 25.77 -7.16
N ASN B 128 -0.50 26.06 -6.33
CA ASN B 128 0.32 27.24 -6.55
C ASN B 128 1.34 27.00 -7.66
N LYS B 129 1.31 27.86 -8.67
CA LYS B 129 2.19 27.71 -9.83
C LYS B 129 3.41 28.64 -9.76
N THR B 130 3.48 29.45 -8.71
CA THR B 130 4.60 30.38 -8.53
C THR B 130 5.93 29.64 -8.55
N PRO B 131 6.76 29.94 -9.55
CA PRO B 131 8.01 29.22 -9.83
C PRO B 131 8.92 29.04 -8.60
N LEU B 132 9.38 27.81 -8.38
CA LEU B 132 10.27 27.49 -7.27
C LEU B 132 11.65 27.09 -7.77
N PRO B 133 12.70 27.37 -6.96
CA PRO B 133 14.09 27.09 -7.32
C PRO B 133 14.44 25.61 -7.17
N VAL B 134 13.83 24.76 -7.99
CA VAL B 134 14.14 23.33 -7.97
C VAL B 134 14.14 22.71 -9.36
N LYS B 135 15.27 22.11 -9.72
CA LYS B 135 15.41 21.41 -10.98
C LYS B 135 14.95 19.97 -10.81
N VAL B 136 13.87 19.59 -11.50
CA VAL B 136 13.39 18.22 -11.43
C VAL B 136 13.87 17.39 -12.61
N LEU B 137 14.39 16.20 -12.30
CA LEU B 137 14.80 15.25 -13.32
C LEU B 137 13.80 14.12 -13.33
N PHE B 138 13.12 13.93 -14.45
CA PHE B 138 12.20 12.81 -14.57
C PHE B 138 12.83 11.67 -15.33
N VAL B 139 12.81 10.49 -14.72
CA VAL B 139 13.36 9.30 -15.33
C VAL B 139 12.28 8.24 -15.53
N MET B 140 12.15 7.76 -16.76
CA MET B 140 11.30 6.61 -17.04
C MET B 140 12.13 5.34 -17.14
N SER B 141 11.78 4.36 -16.33
CA SER B 141 12.51 3.11 -16.29
C SER B 141 11.54 1.97 -16.55
N HIS B 142 11.70 1.27 -17.65
CA HIS B 142 10.87 0.10 -17.94
C HIS B 142 11.52 -1.11 -17.30
N GLY B 143 10.92 -2.27 -17.55
CA GLY B 143 11.52 -3.51 -17.11
C GLY B 143 12.81 -3.79 -17.88
N GLY B 144 12.68 -4.02 -19.18
CA GLY B 144 13.81 -4.40 -20.00
C GLY B 144 14.63 -3.24 -20.54
N LEU B 145 13.99 -2.11 -20.76
CA LEU B 145 14.67 -0.95 -21.33
C LEU B 145 15.42 -0.13 -20.29
N THR B 146 16.41 0.61 -20.75
CA THR B 146 17.25 1.39 -19.87
C THR B 146 16.62 2.75 -19.53
N PRO B 147 17.07 3.36 -18.42
CA PRO B 147 16.50 4.61 -17.94
C PRO B 147 16.53 5.68 -19.02
N MET B 148 15.47 6.48 -19.10
CA MET B 148 15.43 7.59 -20.03
C MET B 148 14.94 8.86 -19.35
N ALA B 149 15.53 10.00 -19.72
CA ALA B 149 15.13 11.26 -19.14
C ALA B 149 14.21 12.01 -20.08
N ALA B 150 13.34 12.84 -19.50
CA ALA B 150 12.45 13.68 -20.28
C ALA B 150 13.08 15.04 -20.59
N GLY B 151 13.18 15.37 -21.88
CA GLY B 151 13.67 16.67 -22.30
C GLY B 151 12.50 17.61 -22.54
N GLN B 152 12.63 18.51 -23.50
CA GLN B 152 11.57 19.45 -23.80
C GLN B 152 10.46 18.82 -24.65
N ASN B 153 9.29 19.48 -24.64
CA ASN B 153 8.16 19.07 -25.46
C ASN B 153 7.54 17.72 -25.09
N THR B 154 7.84 17.26 -23.88
CA THR B 154 7.22 16.06 -23.36
C THR B 154 6.11 16.41 -22.38
N ALA B 155 5.24 15.45 -22.08
CA ALA B 155 4.22 15.66 -21.06
C ALA B 155 4.92 15.88 -19.72
N ALA B 156 5.97 15.11 -19.47
CA ALA B 156 6.75 15.29 -18.25
C ALA B 156 7.22 16.73 -18.12
N ASP B 157 7.94 17.21 -19.13
CA ASP B 157 8.48 18.56 -19.12
C ASP B 157 7.40 19.60 -18.84
N ALA B 158 6.22 19.41 -19.44
CA ALA B 158 5.10 20.32 -19.23
C ALA B 158 4.61 20.24 -17.78
N MET B 159 4.52 19.03 -17.27
CA MET B 159 4.05 18.80 -15.91
C MET B 159 4.98 19.48 -14.90
N ILE B 160 6.28 19.26 -15.08
CA ILE B 160 7.29 19.86 -14.21
C ILE B 160 7.20 21.38 -14.17
N ARG B 161 7.07 22.01 -15.34
CA ARG B 161 6.98 23.47 -15.44
C ARG B 161 5.66 23.99 -14.88
N ALA B 162 4.58 23.31 -15.20
CA ALA B 162 3.25 23.64 -14.67
C ALA B 162 3.26 23.73 -13.14
N ALA B 163 4.01 22.84 -12.49
CA ALA B 163 4.10 22.83 -11.03
C ALA B 163 5.00 23.95 -10.47
N GLY B 164 5.63 24.70 -11.36
CA GLY B 164 6.48 25.80 -10.96
C GLY B 164 7.94 25.44 -10.80
N GLY B 165 8.30 24.24 -11.28
CA GLY B 165 9.68 23.80 -11.26
C GLY B 165 10.32 23.87 -12.65
N SER B 166 11.58 23.45 -12.73
CA SER B 166 12.29 23.42 -14.00
C SER B 166 12.76 22.02 -14.33
N ASN B 167 12.98 21.76 -15.62
CA ASN B 167 13.56 20.50 -16.03
C ASN B 167 15.07 20.55 -15.92
N ALA B 168 15.63 19.65 -15.11
CA ALA B 168 17.09 19.55 -15.00
C ALA B 168 17.71 19.38 -16.38
N MET B 169 17.06 18.59 -17.22
CA MET B 169 17.52 18.39 -18.59
C MET B 169 17.09 19.53 -19.50
N GLN B 170 18.04 20.04 -20.28
CA GLN B 170 17.75 21.12 -21.22
C GLN B 170 18.57 20.92 -22.50
N GLY B 171 18.02 21.37 -23.62
CA GLY B 171 18.75 21.35 -24.87
C GLY B 171 18.46 20.16 -25.76
N PHE B 172 17.29 19.54 -25.57
CA PHE B 172 16.85 18.44 -26.41
C PHE B 172 15.38 18.14 -26.18
N SER B 173 14.76 17.46 -27.13
CA SER B 173 13.35 17.10 -27.01
C SER B 173 13.16 15.60 -26.90
N ARG B 174 11.93 15.18 -26.57
CA ARG B 174 11.61 13.78 -26.39
C ARG B 174 12.38 13.19 -25.23
N TYR B 175 12.76 11.93 -25.37
CA TYR B 175 13.48 11.21 -24.35
C TYR B 175 14.85 10.75 -24.88
N ARG B 176 15.83 10.69 -23.99
CA ARG B 176 17.13 10.12 -24.32
C ARG B 176 17.60 9.24 -23.17
N PRO B 177 18.40 8.20 -23.49
CA PRO B 177 18.90 7.30 -22.45
C PRO B 177 19.65 8.08 -21.39
N LEU B 178 19.64 7.61 -20.16
CA LEU B 178 20.29 8.32 -19.08
C LEU B 178 21.79 8.44 -19.32
N SER B 179 22.26 9.68 -19.50
CA SER B 179 23.68 9.95 -19.68
C SER B 179 24.32 10.20 -18.32
N GLN B 180 25.27 9.36 -17.95
CA GLN B 180 25.88 9.44 -16.62
C GLN B 180 26.60 10.77 -16.39
N GLU B 181 27.07 11.40 -17.46
CA GLU B 181 27.64 12.74 -17.36
C GLU B 181 26.57 13.78 -17.62
N GLY B 182 25.45 13.33 -18.20
CA GLY B 182 24.34 14.21 -18.47
C GLY B 182 23.54 14.47 -17.22
N VAL B 183 23.38 13.42 -16.42
CA VAL B 183 22.67 13.51 -15.16
C VAL B 183 23.44 14.40 -14.21
N ILE B 184 24.75 14.22 -14.17
CA ILE B 184 25.61 15.04 -13.34
C ILE B 184 25.68 16.48 -13.86
N ALA B 185 25.68 16.63 -15.18
CA ALA B 185 25.75 17.95 -15.79
C ALA B 185 24.49 18.76 -15.50
N SER B 186 23.34 18.12 -15.65
CA SER B 186 22.09 18.72 -15.20
C SER B 186 22.16 18.77 -13.69
N ALA B 187 21.36 19.62 -13.06
CA ALA B 187 21.51 19.83 -11.62
C ALA B 187 20.31 19.35 -10.83
N PRO B 188 19.95 18.07 -10.99
CA PRO B 188 18.74 17.54 -10.37
C PRO B 188 18.68 17.90 -8.88
N ASP B 189 17.69 18.70 -8.51
CA ASP B 189 17.40 18.93 -7.10
C ASP B 189 16.46 17.84 -6.59
N LEU B 190 15.51 17.44 -7.45
CA LEU B 190 14.57 16.38 -7.11
C LEU B 190 14.53 15.31 -8.20
N LEU B 191 14.51 14.05 -7.80
CA LEU B 191 14.35 12.94 -8.75
C LEU B 191 12.92 12.45 -8.79
N LEU B 192 12.33 12.47 -9.97
CA LEU B 192 10.94 12.07 -10.16
C LEU B 192 10.85 10.80 -11.02
N ILE B 193 10.23 9.75 -10.47
CA ILE B 193 9.99 8.51 -11.22
C ILE B 193 8.55 8.06 -11.08
N THR B 194 8.22 6.97 -11.77
CA THR B 194 6.86 6.46 -11.79
C THR B 194 6.72 5.18 -10.96
N THR B 195 5.48 4.74 -10.77
CA THR B 195 5.19 3.50 -10.08
C THR B 195 5.84 2.32 -10.81
N ASP B 196 5.61 2.22 -12.12
CA ASP B 196 6.23 1.19 -12.94
C ASP B 196 7.75 1.25 -12.88
N GLY B 197 8.28 2.46 -12.81
CA GLY B 197 9.72 2.65 -12.70
C GLY B 197 10.24 2.08 -11.40
N VAL B 198 9.46 2.20 -10.34
CA VAL B 198 9.83 1.66 -9.05
C VAL B 198 9.86 0.13 -9.09
N LYS B 199 8.85 -0.46 -9.73
CA LYS B 199 8.74 -1.91 -9.82
C LYS B 199 9.84 -2.52 -10.68
N ALA B 200 10.28 -1.80 -11.71
CA ALA B 200 11.37 -2.26 -12.55
C ALA B 200 12.72 -2.18 -11.86
N LEU B 201 12.97 -1.08 -11.15
CA LEU B 201 14.23 -0.89 -10.43
C LEU B 201 14.33 -1.78 -9.21
N GLY B 202 13.18 -2.20 -8.69
CA GLY B 202 13.12 -3.22 -7.67
C GLY B 202 13.34 -2.78 -6.23
N SER B 203 14.29 -1.87 -6.01
CA SER B 203 14.66 -1.46 -4.66
C SER B 203 15.23 -0.05 -4.60
N SER B 204 15.27 0.52 -3.40
CA SER B 204 15.84 1.85 -3.21
C SER B 204 17.24 1.96 -3.79
N GLU B 205 18.12 1.05 -3.36
CA GLU B 205 19.52 1.07 -3.76
C GLU B 205 19.67 1.19 -5.28
N ASN B 206 18.81 0.49 -6.01
CA ASN B 206 18.86 0.51 -7.47
C ASN B 206 18.35 1.80 -8.08
N ILE B 207 17.53 2.54 -7.33
CA ILE B 207 17.06 3.84 -7.76
C ILE B 207 18.21 4.85 -7.76
N TRP B 208 19.02 4.79 -6.71
CA TRP B 208 20.13 5.72 -6.54
C TRP B 208 21.39 5.23 -7.25
N LYS B 209 21.30 4.05 -7.86
CA LYS B 209 22.41 3.52 -8.64
C LYS B 209 22.35 4.02 -10.09
N LEU B 210 21.30 4.78 -10.40
CA LEU B 210 21.15 5.36 -11.73
C LEU B 210 22.36 6.23 -12.09
N PRO B 211 22.70 6.27 -13.38
CA PRO B 211 23.85 7.03 -13.91
C PRO B 211 24.02 8.39 -13.22
N GLY B 212 25.15 8.55 -12.53
CA GLY B 212 25.48 9.80 -11.88
C GLY B 212 24.35 10.41 -11.06
N MET B 213 23.65 9.58 -10.29
CA MET B 213 22.55 10.06 -9.49
C MET B 213 23.04 10.48 -8.11
N ALA B 214 23.89 9.65 -7.53
CA ALA B 214 24.45 9.92 -6.22
C ALA B 214 25.32 11.17 -6.25
N LEU B 215 25.64 11.66 -7.44
CA LEU B 215 26.45 12.85 -7.60
C LEU B 215 25.62 14.05 -8.04
N THR B 216 24.39 14.11 -7.54
CA THR B 216 23.50 15.24 -7.76
C THR B 216 22.91 15.63 -6.42
N PRO B 217 22.36 16.86 -6.30
CA PRO B 217 21.71 17.21 -5.03
C PRO B 217 20.60 16.21 -4.74
N ALA B 218 19.84 15.84 -5.76
CA ALA B 218 18.78 14.86 -5.61
C ALA B 218 19.33 13.56 -5.01
N GLY B 219 20.43 13.06 -5.58
CA GLY B 219 21.06 11.86 -5.08
C GLY B 219 21.72 12.03 -3.73
N LYS B 220 22.24 13.23 -3.47
CA LYS B 220 22.91 13.52 -2.19
C LYS B 220 21.94 13.51 -1.01
N HIS B 221 20.74 14.06 -1.23
CA HIS B 221 19.73 14.13 -0.17
C HIS B 221 18.67 13.04 -0.35
N LYS B 222 18.85 12.22 -1.37
CA LYS B 222 17.84 11.24 -1.75
C LYS B 222 16.45 11.87 -1.83
N ARG B 223 16.38 13.00 -2.53
CA ARG B 223 15.11 13.69 -2.74
C ARG B 223 14.37 12.99 -3.87
N LEU B 224 13.25 12.35 -3.53
CA LEU B 224 12.56 11.49 -4.47
C LEU B 224 11.06 11.63 -4.34
N LEU B 225 10.37 11.64 -5.48
CA LEU B 225 8.92 11.59 -5.52
C LEU B 225 8.47 10.54 -6.53
N VAL B 226 7.58 9.66 -6.09
CA VAL B 226 7.03 8.65 -6.97
C VAL B 226 5.60 9.02 -7.32
N VAL B 227 5.22 8.77 -8.57
CA VAL B 227 3.88 9.06 -9.04
C VAL B 227 3.40 8.02 -10.06
N ASP B 228 2.09 7.91 -10.22
CA ASP B 228 1.51 7.02 -11.22
C ASP B 228 1.87 7.47 -12.64
N ASP B 229 2.21 6.50 -13.48
CA ASP B 229 2.66 6.76 -14.85
C ASP B 229 1.68 7.63 -15.63
N MET B 230 0.49 7.08 -15.88
CA MET B 230 -0.50 7.77 -16.71
C MET B 230 -1.13 8.99 -16.03
N ALA B 231 -1.25 8.95 -14.70
CA ALA B 231 -1.75 10.12 -13.97
C ALA B 231 -0.84 11.30 -14.24
N LEU B 232 0.46 11.04 -14.23
CA LEU B 232 1.46 12.06 -14.51
C LEU B 232 1.43 12.50 -15.97
N LEU B 233 1.60 11.52 -16.85
CA LEU B 233 1.90 11.79 -18.25
C LEU B 233 0.68 11.85 -19.16
N GLY B 234 -0.49 11.53 -18.62
CA GLY B 234 -1.67 11.34 -19.44
C GLY B 234 -2.43 12.61 -19.77
N PHE B 235 -2.30 13.61 -18.91
CA PHE B 235 -3.10 14.82 -19.01
C PHE B 235 -4.58 14.49 -19.19
N GLY B 236 -5.10 13.74 -18.22
CA GLY B 236 -6.51 13.46 -18.10
C GLY B 236 -7.04 14.03 -16.79
N LEU B 237 -8.07 13.40 -16.24
CA LEU B 237 -8.78 13.95 -15.08
C LEU B 237 -7.96 14.07 -13.79
N GLU B 238 -6.85 13.35 -13.67
CA GLU B 238 -6.09 13.36 -12.43
C GLU B 238 -4.91 14.33 -12.46
N THR B 239 -4.79 15.08 -13.55
CA THR B 239 -3.69 16.02 -13.73
C THR B 239 -3.42 16.92 -12.52
N PRO B 240 -4.48 17.55 -11.97
CA PRO B 240 -4.28 18.43 -10.80
C PRO B 240 -3.80 17.70 -9.55
N GLN B 241 -4.31 16.49 -9.31
CA GLN B 241 -3.89 15.71 -8.15
C GLN B 241 -2.40 15.39 -8.21
N VAL B 242 -1.89 15.18 -9.41
CA VAL B 242 -0.47 14.92 -9.60
C VAL B 242 0.36 16.20 -9.50
N LEU B 243 -0.17 17.30 -10.06
CA LEU B 243 0.47 18.61 -9.91
C LEU B 243 0.54 18.99 -8.44
N ALA B 244 -0.43 18.50 -7.66
CA ALA B 244 -0.49 18.81 -6.24
C ALA B 244 0.68 18.14 -5.51
N GLN B 245 1.00 16.92 -5.93
CA GLN B 245 2.06 16.14 -5.30
C GLN B 245 3.43 16.73 -5.60
N LEU B 246 3.59 17.28 -6.80
CA LEU B 246 4.86 17.89 -7.19
C LEU B 246 5.12 19.21 -6.44
N ARG B 247 4.13 20.09 -6.45
CA ARG B 247 4.21 21.35 -5.72
C ARG B 247 4.55 21.10 -4.25
N GLU B 248 3.86 20.14 -3.62
CA GLU B 248 4.13 19.80 -2.24
C GLU B 248 5.60 19.49 -2.01
N LYS B 249 6.11 18.53 -2.77
CA LYS B 249 7.50 18.10 -2.65
C LYS B 249 8.48 19.27 -2.81
N MET B 250 8.22 20.14 -3.78
CA MET B 250 9.08 21.29 -4.03
C MET B 250 9.00 22.33 -2.91
N GLU B 251 7.84 22.40 -2.24
CA GLU B 251 7.66 23.34 -1.15
C GLU B 251 8.34 22.87 0.13
N GLN B 252 8.27 21.57 0.38
CA GLN B 252 8.96 20.99 1.53
C GLN B 252 10.48 21.10 1.37
N MET B 253 10.95 21.06 0.12
CA MET B 253 12.37 21.24 -0.18
C MET B 253 12.88 22.63 0.22
N GLN B 254 11.95 23.57 0.40
CA GLN B 254 12.32 24.87 0.96
C GLN B 254 11.99 24.89 2.46
#